data_3F95
#
_entry.id   3F95
#
_cell.length_a   73.416
_cell.length_b   87.882
_cell.length_c   56.459
_cell.angle_alpha   90.00
_cell.angle_beta   90.00
_cell.angle_gamma   90.00
#
_symmetry.space_group_name_H-M   'P 21 21 2'
#
loop_
_entity.id
_entity.type
_entity.pdbx_description
1 polymer Beta-glucosidase
2 non-polymer 'CHLORIDE ION'
3 water water
#
_entity_poly.entity_id   1
_entity_poly.type   'polypeptide(L)'
_entity_poly.pdbx_seq_one_letter_code
;MVNSDSHPLFVRSLAKNMTWQLADTSTQKVLASGASATSGDKQSLLMQSVNLSYQEDGRGFNWRAQAALSLSYLEPTPLD
SKFSTGYLELKMRIDKAPEQGANLQVMCSESNCLRDIDFSSFSQLMADKSWHTLAIPLHCDDSDQAEQPITDALRITSQN
LSLAIADVALTIKPSDDSISLTCAKLEHHHHHH
;
_entity_poly.pdbx_strand_id   A,B
#
# COMPACT_ATOMS: atom_id res chain seq x y z
N SER A 4 -18.09 -0.75 -19.82
CA SER A 4 -19.34 -0.08 -19.34
C SER A 4 -19.16 0.51 -17.95
N ASP A 5 -18.24 -0.08 -17.18
CA ASP A 5 -17.94 0.37 -15.81
C ASP A 5 -17.11 1.67 -15.74
N SER A 6 -16.49 2.04 -16.87
CA SER A 6 -15.37 2.98 -16.80
C SER A 6 -15.33 3.99 -17.95
N HIS A 7 -14.63 5.09 -17.69
CA HIS A 7 -14.44 6.12 -18.68
C HIS A 7 -12.92 6.36 -18.80
N PRO A 8 -12.31 5.94 -19.92
CA PRO A 8 -10.86 6.07 -20.06
C PRO A 8 -10.43 7.52 -20.18
N LEU A 9 -9.29 7.85 -19.56
CA LEU A 9 -8.69 9.18 -19.68
C LEU A 9 -7.34 9.11 -20.36
N PHE A 10 -6.56 8.10 -19.97
CA PHE A 10 -5.32 7.76 -20.66
C PHE A 10 -5.11 6.27 -20.63
N VAL A 11 -5.67 5.59 -21.64
CA VAL A 11 -5.48 4.15 -21.77
C VAL A 11 -4.85 3.91 -23.14
N ARG A 12 -3.52 3.80 -23.09
CA ARG A 12 -2.65 3.71 -24.25
C ARG A 12 -2.48 5.04 -25.02
N SER A 13 -3.49 5.89 -25.00
CA SER A 13 -3.43 7.23 -25.57
C SER A 13 -4.40 8.14 -24.84
N LEU A 14 -4.17 9.45 -24.93
CA LEU A 14 -5.03 10.45 -24.31
C LEU A 14 -6.42 10.36 -24.91
N ALA A 15 -7.43 10.35 -24.06
CA ALA A 15 -8.82 10.41 -24.49
C ALA A 15 -9.05 11.79 -25.10
N LYS A 16 -10.04 12.01 -25.95
N LYS A 16 -10.18 11.81 -25.81
CA LYS A 16 -10.06 13.25 -26.81
CA LYS A 16 -10.97 12.97 -26.09
C LYS A 16 -9.84 14.71 -26.22
C LYS A 16 -11.06 13.88 -24.91
N ASN A 17 -10.67 15.09 -25.24
CA ASN A 17 -10.67 16.27 -24.39
C ASN A 17 -9.55 16.30 -23.34
N MET A 18 -8.50 15.47 -23.49
CA MET A 18 -7.43 15.39 -22.47
C MET A 18 -6.05 15.76 -22.97
N THR A 19 -5.24 16.34 -22.07
CA THR A 19 -3.81 16.58 -22.33
C THR A 19 -3.02 16.33 -21.08
N TRP A 20 -1.72 16.10 -21.27
CA TRP A 20 -0.78 16.21 -20.18
C TRP A 20 -0.41 17.70 -20.08
N GLN A 21 -0.18 18.16 -18.86
CA GLN A 21 0.27 19.52 -18.61
CA GLN A 21 0.29 19.51 -18.65
C GLN A 21 1.52 19.50 -17.75
N LEU A 22 2.61 20.08 -18.26
CA LEU A 22 3.87 20.12 -17.52
C LEU A 22 4.13 21.58 -17.12
N ALA A 23 3.98 21.85 -15.84
CA ALA A 23 4.01 23.23 -15.31
C ALA A 23 5.13 23.42 -14.29
N ASP A 24 6.25 23.97 -14.77
CA ASP A 24 7.37 24.26 -13.86
C ASP A 24 7.30 25.71 -13.33
N THR A 25 8.38 26.22 -12.74
CA THR A 25 8.35 27.56 -12.13
C THR A 25 8.64 28.66 -13.16
N SER A 26 8.79 28.27 -14.41
CA SER A 26 9.02 29.22 -15.50
C SER A 26 7.72 29.89 -15.96
N THR A 27 7.87 30.79 -16.92
CA THR A 27 6.71 31.49 -17.49
C THR A 27 6.11 30.72 -18.66
N GLN A 28 6.56 29.50 -18.90
CA GLN A 28 5.97 28.71 -19.98
C GLN A 28 5.42 27.40 -19.42
N LYS A 29 4.14 27.15 -19.68
CA LYS A 29 3.48 25.91 -19.31
C LYS A 29 3.29 25.10 -20.57
N VAL A 30 3.54 23.79 -20.50
CA VAL A 30 3.50 22.97 -21.71
C VAL A 30 2.31 21.99 -21.70
N LEU A 31 1.50 22.04 -22.76
CA LEU A 31 0.43 21.06 -22.95
C LEU A 31 0.90 20.00 -23.94
N ALA A 32 1.03 18.76 -23.47
CA ALA A 32 1.69 17.70 -24.26
C ALA A 32 0.72 16.60 -24.63
N SER A 33 0.72 16.22 -25.90
CA SER A 33 -0.23 15.23 -26.39
C SER A 33 0.43 14.03 -27.09
N GLY A 34 1.76 13.91 -26.96
CA GLY A 34 2.50 12.85 -27.61
C GLY A 34 3.33 11.98 -26.69
N ALA A 35 4.42 11.46 -27.21
CA ALA A 35 5.24 10.44 -26.51
C ALA A 35 6.21 11.05 -25.46
N SER A 36 6.65 12.27 -25.73
CA SER A 36 7.64 12.92 -24.85
C SER A 36 7.37 14.43 -24.84
N ALA A 37 7.85 15.09 -23.80
CA ALA A 37 7.68 16.52 -23.62
C ALA A 37 8.68 16.99 -22.58
N THR A 38 8.92 18.31 -22.56
CA THR A 38 9.68 18.95 -21.49
C THR A 38 8.85 20.10 -20.97
N SER A 39 9.10 20.49 -19.73
CA SER A 39 8.46 21.67 -19.15
C SER A 39 9.08 22.92 -19.79
N GLY A 40 8.56 24.09 -19.41
CA GLY A 40 9.00 25.35 -20.04
C GLY A 40 10.51 25.62 -19.95
N ASP A 41 11.14 25.20 -18.84
CA ASP A 41 12.58 25.48 -18.66
C ASP A 41 13.49 24.42 -19.27
N LYS A 42 12.84 23.42 -19.88
CA LYS A 42 13.47 22.26 -20.55
C LYS A 42 14.14 21.23 -19.62
N GLN A 43 14.01 21.41 -18.32
CA GLN A 43 14.74 20.54 -17.37
C GLN A 43 13.97 20.13 -16.13
N SER A 44 13.05 20.98 -15.66
CA SER A 44 12.43 20.71 -14.35
C SER A 44 11.57 19.45 -14.36
N LEU A 45 10.82 19.26 -15.44
CA LEU A 45 9.87 18.13 -15.54
C LEU A 45 9.92 17.64 -16.98
N LEU A 46 10.25 16.35 -17.16
CA LEU A 46 10.38 15.72 -18.47
C LEU A 46 9.47 14.51 -18.53
N MET A 47 8.87 14.29 -19.70
CA MET A 47 8.02 13.15 -19.96
C MET A 47 8.61 12.31 -21.11
N GLN A 48 8.66 10.99 -20.91
CA GLN A 48 9.05 10.09 -21.98
CA GLN A 48 9.12 10.02 -21.91
C GLN A 48 8.05 8.93 -21.98
N SER A 49 8.06 8.10 -23.03
CA SER A 49 7.17 6.97 -23.08
CA SER A 49 7.14 6.98 -23.05
C SER A 49 7.84 5.78 -22.43
N VAL A 50 7.05 4.90 -21.83
CA VAL A 50 7.56 3.64 -21.28
C VAL A 50 6.61 2.51 -21.73
N ASN A 51 7.07 1.28 -21.58
CA ASN A 51 6.30 0.14 -22.09
C ASN A 51 5.83 -0.70 -20.92
N LEU A 52 4.51 -0.85 -20.79
CA LEU A 52 3.97 -1.70 -19.76
C LEU A 52 3.38 -2.98 -20.37
N SER A 53 2.24 -2.85 -21.05
CA SER A 53 1.60 -3.98 -21.70
C SER A 53 1.86 -3.97 -23.20
N TYR A 54 2.19 -2.79 -23.74
CA TYR A 54 2.42 -2.57 -25.18
C TYR A 54 3.58 -1.59 -25.32
N GLN A 55 4.09 -1.39 -26.54
CA GLN A 55 5.05 -0.31 -26.76
CA GLN A 55 5.04 -0.31 -26.75
C GLN A 55 4.35 1.03 -26.47
N GLU A 56 5.00 1.85 -25.65
CA GLU A 56 4.55 3.21 -25.36
C GLU A 56 3.18 3.38 -24.72
N ASP A 57 2.69 2.39 -23.95
CA ASP A 57 1.39 2.58 -23.28
C ASP A 57 1.48 3.33 -21.95
N GLY A 58 2.69 3.64 -21.51
CA GLY A 58 2.90 4.39 -20.26
C GLY A 58 3.63 5.70 -20.52
N ARG A 59 3.66 6.57 -19.52
CA ARG A 59 4.48 7.76 -19.62
C ARG A 59 5.30 7.85 -18.36
N GLY A 60 6.61 8.07 -18.53
CA GLY A 60 7.51 8.26 -17.40
C GLY A 60 7.73 9.74 -17.21
N PHE A 61 7.75 10.18 -15.96
CA PHE A 61 7.94 11.58 -15.61
C PHE A 61 9.09 11.72 -14.62
N ASN A 62 10.02 12.65 -14.89
CA ASN A 62 11.16 12.89 -13.98
CA ASN A 62 11.17 12.87 -13.99
C ASN A 62 11.13 14.33 -13.55
N TRP A 63 11.05 14.57 -12.23
CA TRP A 63 11.12 15.91 -11.66
C TRP A 63 12.56 16.14 -11.17
N ARG A 64 13.15 17.24 -11.61
CA ARG A 64 14.44 17.69 -11.09
C ARG A 64 14.35 19.01 -10.37
N ALA A 65 13.22 19.70 -10.48
CA ALA A 65 12.93 20.87 -9.67
C ALA A 65 11.41 21.00 -9.53
N GLN A 66 10.99 21.93 -8.67
CA GLN A 66 9.59 22.23 -8.43
C GLN A 66 8.73 22.28 -9.70
N ALA A 67 7.72 21.42 -9.78
CA ALA A 67 6.86 21.35 -10.98
C ALA A 67 5.65 20.52 -10.68
N ALA A 68 4.58 20.78 -11.44
CA ALA A 68 3.33 20.01 -11.35
C ALA A 68 3.07 19.35 -12.71
N LEU A 69 2.79 18.06 -12.65
CA LEU A 69 2.29 17.33 -13.81
C LEU A 69 0.80 17.16 -13.61
N SER A 70 0.01 17.49 -14.63
CA SER A 70 -1.42 17.19 -14.60
C SER A 70 -1.85 16.37 -15.81
N LEU A 71 -2.87 15.54 -15.62
CA LEU A 71 -3.64 15.02 -16.71
C LEU A 71 -4.93 15.84 -16.66
N SER A 72 -5.18 16.63 -17.69
CA SER A 72 -6.08 17.83 -17.62
CA SER A 72 -6.14 17.72 -17.58
C SER A 72 -7.15 17.74 -18.74
N TYR A 73 -8.33 18.28 -18.45
CA TYR A 73 -9.38 18.43 -19.44
C TYR A 73 -9.11 19.72 -20.22
N LEU A 74 -9.31 19.69 -21.52
CA LEU A 74 -9.03 20.88 -22.34
C LEU A 74 -9.96 22.05 -21.97
N GLU A 75 -11.19 21.74 -21.56
CA GLU A 75 -12.05 22.72 -20.92
C GLU A 75 -12.67 22.10 -19.68
N PRO A 76 -12.90 22.90 -18.61
CA PRO A 76 -13.57 22.40 -17.41
C PRO A 76 -14.77 21.51 -17.75
N THR A 77 -14.82 20.37 -17.08
CA THR A 77 -15.77 19.32 -17.36
C THR A 77 -16.33 18.84 -16.02
N PRO A 78 -17.64 19.00 -15.79
CA PRO A 78 -18.22 18.54 -14.53
C PRO A 78 -18.12 17.02 -14.42
N LEU A 79 -17.82 16.52 -13.21
CA LEU A 79 -17.79 15.09 -12.96
C LEU A 79 -19.15 14.45 -13.27
N ASP A 80 -19.12 13.45 -14.14
CA ASP A 80 -20.28 12.63 -14.45
C ASP A 80 -20.80 12.01 -13.16
N SER A 81 -22.10 12.13 -12.91
CA SER A 81 -22.71 11.59 -11.69
C SER A 81 -22.57 10.07 -11.59
N LYS A 82 -22.28 9.44 -12.72
CA LYS A 82 -21.89 8.02 -12.78
C LYS A 82 -20.75 7.72 -11.80
N PHE A 83 -19.87 8.70 -11.59
CA PHE A 83 -18.69 8.51 -10.77
C PHE A 83 -18.71 9.19 -9.42
N SER A 84 -19.86 9.70 -8.99
CA SER A 84 -19.94 10.44 -7.72
C SER A 84 -19.46 9.63 -6.51
N THR A 85 -19.68 8.32 -6.52
CA THR A 85 -19.09 7.43 -5.52
C THR A 85 -18.11 6.44 -6.13
N GLY A 86 -17.47 6.86 -7.22
CA GLY A 86 -16.53 6.02 -7.96
C GLY A 86 -15.08 6.30 -7.62
N TYR A 87 -14.21 5.96 -8.58
CA TYR A 87 -12.78 5.93 -8.37
C TYR A 87 -12.07 6.48 -9.58
N LEU A 88 -10.94 7.12 -9.35
CA LEU A 88 -9.96 7.25 -10.42
C LEU A 88 -9.02 6.06 -10.25
N GLU A 89 -8.87 5.26 -11.31
CA GLU A 89 -7.92 4.15 -11.29
CA GLU A 89 -7.93 4.15 -11.31
C GLU A 89 -6.75 4.44 -12.22
N LEU A 90 -5.55 4.07 -11.79
CA LEU A 90 -4.38 4.22 -12.65
C LEU A 90 -3.34 3.18 -12.26
N LYS A 91 -2.43 2.88 -13.16
CA LYS A 91 -1.25 2.12 -12.76
C LYS A 91 -0.09 3.11 -12.57
N MET A 92 0.69 2.89 -11.53
CA MET A 92 1.85 3.78 -11.25
C MET A 92 3.03 2.93 -10.82
N ARG A 93 4.24 3.37 -11.18
CA ARG A 93 5.48 2.79 -10.67
C ARG A 93 6.33 3.96 -10.18
N ILE A 94 6.80 3.92 -8.93
CA ILE A 94 7.65 5.01 -8.45
C ILE A 94 9.06 4.47 -8.40
N ASP A 95 9.87 4.84 -9.40
CA ASP A 95 11.25 4.34 -9.44
C ASP A 95 12.24 5.17 -8.63
N LYS A 96 11.91 6.43 -8.36
CA LYS A 96 12.67 7.15 -7.35
C LYS A 96 11.73 7.96 -6.48
N ALA A 97 11.64 7.55 -5.20
CA ALA A 97 10.76 8.23 -4.23
C ALA A 97 11.20 9.67 -3.99
N PRO A 98 10.24 10.55 -3.69
CA PRO A 98 10.59 11.96 -3.54
C PRO A 98 11.33 12.20 -2.25
N GLU A 99 12.51 12.78 -2.32
CA GLU A 99 13.25 13.04 -1.08
C GLU A 99 12.56 14.07 -0.16
N GLN A 100 11.95 15.09 -0.77
CA GLN A 100 11.24 16.12 0.01
C GLN A 100 9.72 16.11 -0.18
N GLY A 101 9.21 15.00 -0.66
CA GLY A 101 7.81 14.72 -0.68
C GLY A 101 7.16 15.08 -2.01
N ALA A 102 5.91 14.67 -2.14
CA ALA A 102 5.10 14.90 -3.33
C ALA A 102 3.63 14.81 -2.96
N ASN A 103 2.79 15.51 -3.74
CA ASN A 103 1.36 15.61 -3.53
C ASN A 103 0.67 15.01 -4.73
N LEU A 104 -0.28 14.11 -4.49
CA LEU A 104 -1.16 13.60 -5.53
C LEU A 104 -2.57 14.17 -5.36
N GLN A 105 -2.99 15.04 -6.28
CA GLN A 105 -4.32 15.63 -6.20
C GLN A 105 -5.23 15.01 -7.28
N VAL A 106 -6.49 14.76 -6.96
CA VAL A 106 -7.38 14.05 -7.86
C VAL A 106 -8.67 14.83 -8.04
N MET A 107 -9.06 15.01 -9.30
CA MET A 107 -10.31 15.67 -9.69
C MET A 107 -10.43 17.08 -9.09
N CYS A 108 -9.59 17.97 -9.63
CA CYS A 108 -9.44 19.32 -9.13
C CYS A 108 -10.22 20.29 -10.00
N SER A 109 -10.98 21.17 -9.35
CA SER A 109 -11.60 22.29 -10.05
C SER A 109 -10.67 23.47 -9.95
N GLU A 110 -11.19 24.66 -10.23
CA GLU A 110 -10.45 25.87 -10.01
C GLU A 110 -9.86 25.92 -8.60
N SER A 111 -10.64 25.48 -7.60
CA SER A 111 -10.27 25.74 -6.20
C SER A 111 -10.22 24.90 -4.91
N ASN A 112 -9.94 23.59 -4.88
CA ASN A 112 -10.90 22.58 -5.28
C ASN A 112 -10.40 21.24 -5.78
N CYS A 113 -9.97 20.31 -4.90
CA CYS A 113 -9.75 18.89 -5.34
C CYS A 113 -10.56 17.87 -4.54
N LEU A 114 -11.08 16.83 -5.21
CA LEU A 114 -11.82 15.76 -4.53
C LEU A 114 -10.94 14.96 -3.57
N ARG A 115 -9.67 14.75 -3.95
CA ARG A 115 -8.71 14.10 -3.06
C ARG A 115 -7.38 14.83 -3.08
N ASP A 116 -6.74 14.88 -1.91
CA ASP A 116 -5.44 15.47 -1.74
C ASP A 116 -4.59 14.49 -0.93
N ILE A 117 -3.67 13.78 -1.58
CA ILE A 117 -3.00 12.63 -0.94
C ILE A 117 -1.50 12.89 -0.93
N ASP A 118 -0.88 12.89 0.25
CA ASP A 118 0.59 12.96 0.30
C ASP A 118 1.21 11.63 -0.15
N PHE A 119 2.32 11.71 -0.87
CA PHE A 119 3.00 10.45 -1.26
C PHE A 119 3.37 9.58 -0.05
N SER A 120 3.66 10.21 1.09
CA SER A 120 4.01 9.45 2.30
C SER A 120 2.92 8.46 2.69
N SER A 121 1.66 8.77 2.37
CA SER A 121 0.52 7.94 2.75
C SER A 121 0.50 6.58 2.05
N PHE A 122 1.16 6.46 0.90
CA PHE A 122 1.24 5.16 0.20
C PHE A 122 2.65 4.80 -0.25
N SER A 123 3.65 5.43 0.33
CA SER A 123 5.04 5.23 -0.13
C SER A 123 5.52 3.80 0.10
N GLN A 124 5.12 3.19 1.22
CA GLN A 124 5.61 1.86 1.53
CA GLN A 124 5.61 1.85 1.53
C GLN A 124 5.09 0.85 0.51
N LEU A 125 3.81 0.93 0.18
CA LEU A 125 3.28 -0.02 -0.79
C LEU A 125 3.89 0.13 -2.20
N MET A 126 4.43 1.31 -2.50
CA MET A 126 5.12 1.58 -3.77
C MET A 126 6.65 1.31 -3.75
N ALA A 127 7.19 1.00 -2.57
CA ALA A 127 8.63 1.05 -2.33
C ALA A 127 9.40 -0.04 -3.07
N ASP A 128 8.69 -1.05 -3.55
CA ASP A 128 9.33 -2.09 -4.36
C ASP A 128 9.72 -1.59 -5.77
N LYS A 129 9.34 -0.35 -6.10
CA LYS A 129 9.61 0.26 -7.42
C LYS A 129 9.02 -0.56 -8.57
N SER A 130 7.95 -1.30 -8.26
CA SER A 130 7.22 -2.07 -9.25
C SER A 130 5.94 -1.36 -9.61
N TRP A 131 5.32 -1.77 -10.71
CA TRP A 131 4.00 -1.26 -11.08
C TRP A 131 2.96 -1.75 -10.08
N HIS A 132 2.01 -0.88 -9.75
CA HIS A 132 0.81 -1.22 -8.96
C HIS A 132 -0.42 -0.53 -9.54
N THR A 133 -1.54 -1.22 -9.48
CA THR A 133 -2.81 -0.62 -9.87
C THR A 133 -3.42 0.03 -8.63
N LEU A 134 -3.61 1.35 -8.71
CA LEU A 134 -4.13 2.13 -7.59
C LEU A 134 -5.57 2.57 -7.90
N ALA A 135 -6.49 2.29 -6.96
CA ALA A 135 -7.86 2.75 -7.08
C ALA A 135 -8.10 3.87 -6.06
N ILE A 136 -8.49 5.04 -6.55
CA ILE A 136 -8.63 6.20 -5.67
C ILE A 136 -10.08 6.64 -5.51
N PRO A 137 -10.69 6.31 -4.36
CA PRO A 137 -12.09 6.71 -4.19
C PRO A 137 -12.19 8.22 -4.28
N LEU A 138 -13.16 8.70 -5.06
CA LEU A 138 -13.28 10.14 -5.29
C LEU A 138 -13.92 10.87 -4.11
N HIS A 139 -14.69 10.15 -3.32
CA HIS A 139 -15.36 10.80 -2.21
C HIS A 139 -15.12 10.14 -0.86
N CYS A 140 -14.71 10.95 0.09
CA CYS A 140 -14.46 10.51 1.44
C CYS A 140 -15.72 10.52 2.31
N GLN A 148 -16.39 23.29 -9.18
CA GLN A 148 -17.18 22.11 -9.52
C GLN A 148 -16.83 21.51 -10.90
N PRO A 149 -16.74 22.32 -11.98
CA PRO A 149 -16.21 21.71 -13.21
C PRO A 149 -14.74 21.32 -13.00
N ILE A 150 -14.36 20.14 -13.50
CA ILE A 150 -13.02 19.60 -13.26
C ILE A 150 -12.03 20.09 -14.33
N THR A 151 -10.88 20.58 -13.89
CA THR A 151 -9.80 20.92 -14.82
C THR A 151 -8.67 19.87 -14.84
N ASP A 152 -8.18 19.48 -13.67
CA ASP A 152 -7.12 18.48 -13.58
C ASP A 152 -7.69 17.16 -13.03
N ALA A 153 -7.78 16.13 -13.87
CA ALA A 153 -8.17 14.77 -13.39
C ALA A 153 -7.19 14.26 -12.32
N LEU A 154 -5.90 14.49 -12.56
CA LEU A 154 -4.86 14.30 -11.55
C LEU A 154 -3.78 15.37 -11.64
N ARG A 155 -3.14 15.66 -10.52
CA ARG A 155 -2.05 16.61 -10.50
C ARG A 155 -1.02 16.06 -9.52
N ILE A 156 0.23 15.94 -9.97
CA ILE A 156 1.32 15.50 -9.08
C ILE A 156 2.33 16.63 -9.02
N THR A 157 2.63 17.06 -7.79
CA THR A 157 3.57 18.14 -7.54
C THR A 157 4.72 17.65 -6.67
N SER A 158 5.95 18.00 -7.07
CA SER A 158 7.16 17.60 -6.35
C SER A 158 8.36 18.43 -6.84
N GLN A 159 9.51 18.28 -6.20
CA GLN A 159 10.75 18.92 -6.67
C GLN A 159 11.72 17.87 -7.18
N ASN A 160 11.57 16.63 -6.73
CA ASN A 160 12.51 15.60 -7.13
C ASN A 160 11.85 14.24 -6.95
N LEU A 161 11.68 13.52 -8.07
CA LEU A 161 10.75 12.38 -8.10
C LEU A 161 10.87 11.73 -9.48
N SER A 162 10.75 10.41 -9.52
CA SER A 162 10.66 9.72 -10.83
CA SER A 162 10.65 9.70 -10.78
C SER A 162 9.58 8.60 -10.69
N LEU A 163 8.65 8.64 -11.63
CA LEU A 163 7.57 7.68 -11.65
C LEU A 163 7.04 7.53 -13.06
N ALA A 164 6.16 6.56 -13.25
CA ALA A 164 5.51 6.37 -14.54
C ALA A 164 4.06 6.06 -14.27
N ILE A 165 3.21 6.40 -15.23
CA ILE A 165 1.75 6.26 -15.10
C ILE A 165 1.24 5.57 -16.35
N ALA A 166 0.21 4.73 -16.20
CA ALA A 166 -0.47 4.12 -17.32
C ALA A 166 -1.92 3.84 -16.97
N ASP A 167 -2.76 3.64 -17.99
CA ASP A 167 -4.07 3.02 -17.82
C ASP A 167 -4.93 3.79 -16.82
N VAL A 168 -5.11 5.08 -17.10
CA VAL A 168 -5.83 5.97 -16.19
C VAL A 168 -7.28 6.02 -16.63
N ALA A 169 -8.18 5.69 -15.70
CA ALA A 169 -9.61 5.72 -16.05
C ALA A 169 -10.48 5.98 -14.84
N LEU A 170 -11.64 6.64 -15.07
CA LEU A 170 -12.67 6.72 -14.04
C LEU A 170 -13.44 5.40 -14.05
N THR A 171 -13.73 4.86 -12.88
CA THR A 171 -14.44 3.58 -12.78
C THR A 171 -15.41 3.57 -11.60
N ILE A 172 -16.47 2.77 -11.72
CA ILE A 172 -17.42 2.66 -10.61
C ILE A 172 -17.02 1.52 -9.71
N LYS A 173 -16.18 0.62 -10.25
CA LYS A 173 -15.59 -0.48 -9.49
C LYS A 173 -14.11 -0.73 -9.81
N PRO A 174 -13.27 -0.63 -8.77
CA PRO A 174 -11.84 -0.91 -8.81
C PRO A 174 -11.56 -2.32 -9.32
N SER A 175 -10.54 -2.44 -10.17
CA SER A 175 -10.15 -3.75 -10.71
C SER A 175 -9.83 -4.68 -9.54
N ASP A 176 -9.87 -5.98 -9.79
CA ASP A 176 -9.56 -6.97 -8.75
C ASP A 176 -8.18 -6.79 -8.14
N ASP A 177 -7.17 -6.55 -8.96
CA ASP A 177 -5.84 -6.53 -8.32
CA ASP A 177 -5.76 -6.46 -8.55
C ASP A 177 -5.43 -5.13 -7.84
N SER A 178 -6.40 -4.23 -7.78
CA SER A 178 -6.13 -2.86 -7.36
C SER A 178 -5.94 -2.70 -5.85
N ILE A 179 -5.17 -1.68 -5.49
CA ILE A 179 -4.95 -1.26 -4.12
C ILE A 179 -5.68 0.08 -3.95
N SER A 180 -6.63 0.14 -3.02
CA SER A 180 -7.38 1.36 -2.76
CA SER A 180 -7.41 1.36 -2.81
C SER A 180 -6.67 2.35 -1.90
N LEU A 181 -6.45 3.56 -2.41
CA LEU A 181 -5.93 4.65 -1.59
C LEU A 181 -7.11 5.28 -0.85
N THR A 182 -7.53 4.59 0.20
CA THR A 182 -8.68 4.99 0.99
C THR A 182 -8.41 6.28 1.75
N CYS A 183 -9.47 6.92 2.23
CA CYS A 183 -9.40 8.20 2.90
C CYS A 183 -8.72 8.12 4.26
N ALA A 184 -7.99 9.17 4.62
CA ALA A 184 -7.26 9.19 5.90
C ALA A 184 -8.24 9.29 7.05
N LYS A 185 -7.93 8.59 8.14
CA LYS A 185 -8.76 8.60 9.36
C LYS A 185 -8.35 9.75 10.26
N SER B 6 13.96 0.14 5.42
CA SER B 6 12.93 -0.88 5.81
C SER B 6 12.44 -1.66 4.58
N HIS B 7 11.80 -2.80 4.84
CA HIS B 7 11.19 -3.59 3.82
C HIS B 7 9.74 -3.89 4.24
N PRO B 8 8.77 -3.19 3.65
CA PRO B 8 7.36 -3.38 4.05
C PRO B 8 6.85 -4.77 3.68
N LEU B 9 6.02 -5.33 4.56
CA LEU B 9 5.45 -6.64 4.33
C LEU B 9 3.94 -6.51 4.23
N PHE B 10 3.40 -5.69 5.12
CA PHE B 10 1.99 -5.28 5.05
C PHE B 10 1.84 -3.86 5.57
N VAL B 11 1.86 -2.90 4.66
CA VAL B 11 1.62 -1.47 5.01
C VAL B 11 0.50 -0.99 4.10
N ARG B 12 -0.72 -1.11 4.60
CA ARG B 12 -2.01 -0.87 3.94
C ARG B 12 -2.39 -1.95 2.96
N SER B 13 -1.38 -2.63 2.39
CA SER B 13 -1.60 -3.72 1.46
CA SER B 13 -1.58 -3.68 1.40
C SER B 13 -0.47 -4.73 1.55
N LEU B 14 -0.75 -5.97 1.16
CA LEU B 14 0.28 -7.02 1.19
C LEU B 14 1.37 -6.72 0.17
N ALA B 15 2.63 -6.80 0.58
CA ALA B 15 3.76 -6.74 -0.33
C ALA B 15 3.70 -7.86 -1.37
N LYS B 16 4.48 -7.58 -2.41
N LYS B 16 4.35 -7.71 -2.53
CA LYS B 16 5.12 -8.55 -3.25
CA LYS B 16 4.17 -8.67 -3.68
C LYS B 16 5.58 -9.74 -2.44
C LYS B 16 3.99 -10.22 -3.43
N ASN B 17 5.05 -10.83 -2.91
CA ASN B 17 5.27 -12.21 -2.57
C ASN B 17 4.67 -12.58 -1.21
N MET B 18 3.69 -11.80 -0.73
CA MET B 18 3.11 -12.05 0.61
C MET B 18 1.64 -12.42 0.54
N THR B 19 1.21 -13.19 1.55
CA THR B 19 -0.17 -13.57 1.73
C THR B 19 -0.46 -13.74 3.22
N TRP B 20 -1.72 -13.58 3.62
CA TRP B 20 -2.16 -14.03 4.92
C TRP B 20 -2.47 -15.52 4.76
N GLN B 21 -2.25 -16.27 5.80
CA GLN B 21 -2.62 -17.68 5.78
CA GLN B 21 -2.62 -17.70 5.79
C GLN B 21 -3.35 -18.00 7.08
N LEU B 22 -4.55 -18.57 6.94
CA LEU B 22 -5.38 -18.92 8.09
C LEU B 22 -5.39 -20.44 8.14
N ALA B 23 -4.75 -21.00 9.17
CA ALA B 23 -4.53 -22.45 9.27
C ALA B 23 -5.14 -23.00 10.55
N ASP B 24 -6.36 -23.53 10.44
CA ASP B 24 -6.97 -24.20 11.61
C ASP B 24 -6.65 -25.73 11.61
N THR B 25 -7.37 -26.48 12.44
CA THR B 25 -7.07 -27.92 12.57
C THR B 25 -7.71 -28.77 11.46
N SER B 26 -8.38 -28.12 10.50
CA SER B 26 -9.09 -28.82 9.43
C SER B 26 -8.10 -29.20 8.32
N THR B 27 -8.61 -29.86 7.27
CA THR B 27 -7.77 -30.20 6.14
C THR B 27 -7.76 -29.09 5.06
N GLN B 28 -8.26 -27.90 5.38
CA GLN B 28 -8.23 -26.80 4.43
C GLN B 28 -7.52 -25.62 5.05
N LYS B 29 -6.44 -25.19 4.38
CA LYS B 29 -5.68 -23.99 4.74
C LYS B 29 -6.02 -22.86 3.78
N VAL B 30 -6.26 -21.67 4.33
CA VAL B 30 -6.75 -20.60 3.46
C VAL B 30 -5.66 -19.56 3.28
N LEU B 31 -5.35 -19.24 2.02
CA LEU B 31 -4.42 -18.15 1.69
C LEU B 31 -5.23 -16.95 1.23
N ALA B 32 -5.09 -15.83 1.96
CA ALA B 32 -5.99 -14.70 1.76
C ALA B 32 -5.20 -13.47 1.35
N SER B 33 -5.66 -12.81 0.28
CA SER B 33 -5.00 -11.60 -0.22
C SER B 33 -5.88 -10.36 -0.08
N GLY B 34 -7.06 -10.51 0.54
CA GLY B 34 -8.06 -9.43 0.56
C GLY B 34 -8.37 -8.85 1.93
N ALA B 35 -9.59 -8.34 2.08
CA ALA B 35 -10.04 -7.67 3.32
C ALA B 35 -10.53 -8.66 4.39
N SER B 36 -11.08 -9.80 3.94
CA SER B 36 -11.77 -10.72 4.83
C SER B 36 -11.43 -12.13 4.46
N ALA B 37 -11.47 -13.04 5.43
CA ALA B 37 -11.29 -14.48 5.14
C ALA B 37 -11.73 -15.28 6.36
N THR B 38 -12.13 -16.52 6.14
CA THR B 38 -12.40 -17.45 7.25
C THR B 38 -11.56 -18.70 7.02
N SER B 39 -11.14 -19.33 8.12
CA SER B 39 -10.33 -20.55 8.07
C SER B 39 -11.15 -21.71 7.53
N GLY B 40 -10.46 -22.80 7.22
CA GLY B 40 -11.09 -23.87 6.46
C GLY B 40 -12.22 -24.58 7.12
N ASP B 41 -12.23 -24.62 8.47
CA ASP B 41 -13.35 -25.25 9.19
C ASP B 41 -14.61 -24.34 9.36
N LYS B 42 -14.52 -23.15 8.77
CA LYS B 42 -15.60 -22.15 8.70
C LYS B 42 -15.87 -21.40 10.01
N GLN B 43 -15.08 -21.68 11.06
CA GLN B 43 -15.31 -20.99 12.38
C GLN B 43 -14.09 -20.54 13.17
N SER B 44 -13.00 -21.30 13.12
CA SER B 44 -11.92 -21.13 14.10
C SER B 44 -11.21 -19.80 14.02
N LEU B 45 -11.03 -19.28 12.82
CA LEU B 45 -10.22 -18.04 12.64
C LEU B 45 -10.81 -17.19 11.54
N LEU B 46 -10.94 -15.91 11.85
CA LEU B 46 -11.64 -14.95 10.99
CA LEU B 46 -11.60 -14.97 10.96
C LEU B 46 -10.74 -13.73 10.81
N MET B 47 -10.59 -13.30 9.57
CA MET B 47 -9.95 -12.00 9.27
C MET B 47 -10.97 -11.01 8.77
N GLN B 48 -10.86 -9.77 9.23
CA GLN B 48 -11.65 -8.67 8.65
C GLN B 48 -10.82 -7.41 8.62
N SER B 49 -11.29 -6.39 7.94
CA SER B 49 -10.57 -5.12 7.84
CA SER B 49 -10.47 -5.17 7.93
C SER B 49 -10.86 -4.21 9.06
N VAL B 50 -9.88 -3.45 9.51
CA VAL B 50 -10.12 -2.41 10.53
C VAL B 50 -9.39 -1.12 10.09
N ASN B 51 -9.75 -0.03 10.73
CA ASN B 51 -9.22 1.27 10.37
C ASN B 51 -8.26 1.75 11.42
N LEU B 52 -7.02 2.03 11.01
CA LEU B 52 -6.06 2.61 11.91
C LEU B 52 -5.80 4.07 11.50
N SER B 53 -5.02 4.26 10.45
CA SER B 53 -4.68 5.60 9.94
C SER B 53 -5.56 5.97 8.74
N TYR B 54 -6.16 4.96 8.10
CA TYR B 54 -6.96 5.12 6.89
C TYR B 54 -8.18 4.19 7.01
N GLN B 55 -8.99 4.11 5.97
CA GLN B 55 -9.99 3.03 5.94
C GLN B 55 -9.26 1.74 5.55
N GLU B 56 -9.51 0.68 6.31
CA GLU B 56 -9.05 -0.68 5.96
C GLU B 56 -7.52 -0.88 5.91
N ASP B 57 -6.75 -0.04 6.60
CA ASP B 57 -5.30 -0.25 6.61
C ASP B 57 -4.81 -1.35 7.59
N GLY B 58 -5.71 -1.83 8.45
CA GLY B 58 -5.40 -2.88 9.43
C GLY B 58 -6.20 -4.15 9.16
N ARG B 59 -5.77 -5.25 9.78
CA ARG B 59 -6.51 -6.51 9.70
C ARG B 59 -6.80 -6.96 11.13
N GLY B 60 -8.10 -7.20 11.42
CA GLY B 60 -8.52 -7.79 12.68
C GLY B 60 -8.61 -9.30 12.52
N PHE B 61 -8.15 -10.01 13.53
CA PHE B 61 -8.16 -11.49 13.55
C PHE B 61 -8.83 -11.97 14.84
N ASN B 62 -9.82 -12.84 14.71
CA ASN B 62 -10.55 -13.36 15.85
C ASN B 62 -10.45 -14.90 15.85
N TRP B 63 -9.88 -15.45 16.93
CA TRP B 63 -9.76 -16.90 17.14
C TRP B 63 -10.90 -17.34 18.06
N ARG B 64 -11.62 -18.37 17.61
CA ARG B 64 -12.66 -19.02 18.43
C ARG B 64 -12.26 -20.47 18.73
N ALA B 65 -11.24 -20.98 18.04
CA ALA B 65 -10.67 -22.27 18.33
C ALA B 65 -9.23 -22.33 17.80
N GLN B 66 -8.52 -23.41 18.16
CA GLN B 66 -7.13 -23.65 17.73
C GLN B 66 -6.82 -23.29 16.24
N ALA B 67 -5.93 -22.33 16.03
CA ALA B 67 -5.58 -21.89 14.68
C ALA B 67 -4.32 -21.06 14.69
N ALA B 68 -3.67 -21.04 13.54
CA ALA B 68 -2.46 -20.22 13.34
C ALA B 68 -2.69 -19.24 12.19
N LEU B 69 -2.50 -17.96 12.48
CA LEU B 69 -2.52 -16.93 11.46
C LEU B 69 -1.07 -16.66 11.12
N SER B 70 -0.75 -16.58 9.84
CA SER B 70 0.58 -16.16 9.44
CA SER B 70 0.59 -16.19 9.41
C SER B 70 0.54 -15.10 8.33
N LEU B 71 1.59 -14.31 8.28
CA LEU B 71 1.85 -13.40 7.18
C LEU B 71 3.03 -14.13 6.54
N SER B 72 2.79 -14.72 5.38
CA SER B 72 3.76 -15.70 4.79
CA SER B 72 3.79 -15.63 4.83
C SER B 72 4.28 -15.27 3.43
N TYR B 73 5.45 -15.79 3.09
CA TYR B 73 5.99 -15.63 1.75
C TYR B 73 5.38 -16.71 0.86
N LEU B 74 5.03 -16.32 -0.35
CA LEU B 74 4.49 -17.30 -1.29
C LEU B 74 5.53 -18.37 -1.68
N GLU B 75 6.79 -17.98 -1.82
CA GLU B 75 7.85 -18.99 -1.86
C GLU B 75 8.85 -18.68 -0.77
N PRO B 76 9.45 -19.72 -0.14
CA PRO B 76 10.55 -19.49 0.82
C PRO B 76 11.58 -18.45 0.36
N THR B 77 11.86 -17.48 1.22
CA THR B 77 12.64 -16.31 0.85
C THR B 77 13.70 -16.05 1.91
N PRO B 78 14.99 -16.01 1.50
CA PRO B 78 16.08 -15.83 2.46
C PRO B 78 15.98 -14.46 3.14
N LEU B 79 16.33 -14.39 4.42
CA LEU B 79 16.41 -13.09 5.09
C LEU B 79 17.54 -12.28 4.48
N ASP B 80 17.20 -11.11 3.94
CA ASP B 80 18.19 -10.13 3.49
C ASP B 80 19.22 -9.87 4.61
N SER B 81 20.50 -10.06 4.29
CA SER B 81 21.59 -9.83 5.25
C SER B 81 21.53 -8.43 5.85
N LYS B 82 20.87 -7.52 5.13
CA LYS B 82 20.57 -6.17 5.60
C LYS B 82 19.90 -6.16 6.99
N PHE B 83 19.06 -7.17 7.25
CA PHE B 83 18.30 -7.28 8.50
C PHE B 83 18.81 -8.37 9.44
N SER B 84 20.08 -8.74 9.30
CA SER B 84 20.65 -9.82 10.11
C SER B 84 20.62 -9.49 11.61
N THR B 85 20.86 -8.21 11.94
CA THR B 85 20.68 -7.70 13.31
C THR B 85 19.55 -6.69 13.37
N GLY B 86 18.50 -6.92 12.57
CA GLY B 86 17.39 -5.96 12.50
C GLY B 86 16.16 -6.35 13.28
N TYR B 87 15.01 -5.90 12.81
CA TYR B 87 13.75 -6.03 13.54
C TYR B 87 12.58 -6.33 12.62
N LEU B 88 11.60 -7.07 13.15
CA LEU B 88 10.28 -7.01 12.55
C LEU B 88 9.46 -6.01 13.37
N GLU B 89 8.91 -5.00 12.71
CA GLU B 89 8.08 -4.00 13.34
CA GLU B 89 8.07 -4.02 13.35
C GLU B 89 6.64 -4.19 12.87
N LEU B 90 5.69 -3.97 13.79
CA LEU B 90 4.30 -4.04 13.48
C LEU B 90 3.52 -3.28 14.55
N LYS B 91 2.33 -2.87 14.19
CA LYS B 91 1.38 -2.30 15.14
C LYS B 91 0.37 -3.38 15.49
N MET B 92 0.12 -3.53 16.79
CA MET B 92 -0.84 -4.50 17.26
C MET B 92 -1.74 -3.85 18.30
N ARG B 93 -3.01 -4.25 18.27
CA ARG B 93 -3.99 -3.94 19.32
C ARG B 93 -4.62 -5.25 19.77
N ILE B 94 -4.60 -5.52 21.08
CA ILE B 94 -5.22 -6.77 21.56
C ILE B 94 -6.50 -6.37 22.28
N ASP B 95 -7.64 -6.55 21.63
CA ASP B 95 -8.90 -6.17 22.28
C ASP B 95 -9.48 -7.25 23.20
N LYS B 96 -9.07 -8.52 23.00
CA LYS B 96 -9.39 -9.59 23.93
C LYS B 96 -8.19 -10.53 24.11
N ALA B 97 -7.58 -10.46 25.29
CA ALA B 97 -6.36 -11.22 25.63
C ALA B 97 -6.67 -12.71 25.57
N PRO B 98 -5.66 -13.54 25.26
CA PRO B 98 -5.88 -14.98 25.10
C PRO B 98 -6.35 -15.63 26.40
N GLU B 99 -7.41 -16.42 26.31
CA GLU B 99 -7.94 -17.14 27.48
C GLU B 99 -6.93 -18.15 28.05
N GLN B 100 -6.28 -18.87 27.14
CA GLN B 100 -5.39 -19.98 27.48
C GLN B 100 -4.02 -19.83 26.81
N GLY B 101 -3.68 -18.64 26.36
CA GLY B 101 -2.35 -18.39 25.87
C GLY B 101 -2.28 -18.18 24.38
N ALA B 102 -1.19 -17.56 23.94
CA ALA B 102 -0.94 -17.39 22.51
C ALA B 102 0.57 -17.28 22.31
N ASN B 103 1.02 -17.73 21.13
CA ASN B 103 2.42 -17.73 20.73
C ASN B 103 2.60 -16.80 19.51
N LEU B 104 3.58 -15.92 19.60
CA LEU B 104 3.96 -15.07 18.48
C LEU B 104 5.32 -15.54 18.01
N GLN B 105 5.36 -16.04 16.78
CA GLN B 105 6.62 -16.53 16.23
C GLN B 105 6.99 -15.61 15.08
N VAL B 106 8.30 -15.40 14.93
CA VAL B 106 8.81 -14.46 13.95
C VAL B 106 9.90 -15.10 13.11
N MET B 107 9.78 -14.92 11.78
CA MET B 107 10.76 -15.39 10.77
C MET B 107 11.04 -16.90 10.88
N CYS B 108 10.02 -17.65 10.46
CA CYS B 108 10.02 -19.10 10.59
C CYS B 108 10.39 -19.73 9.25
N SER B 109 11.32 -20.67 9.31
CA SER B 109 11.63 -21.47 8.14
C SER B 109 10.76 -22.71 8.25
N GLU B 110 11.21 -23.78 7.60
CA GLU B 110 10.51 -25.07 7.66
C GLU B 110 10.33 -25.56 9.08
N SER B 111 11.42 -25.58 9.83
CA SER B 111 11.42 -26.20 11.17
C SER B 111 11.87 -25.36 12.35
N ASN B 112 12.25 -24.10 12.12
CA ASN B 112 12.69 -23.18 13.19
C ASN B 112 12.19 -21.75 12.98
N CYS B 113 12.06 -21.00 14.08
CA CYS B 113 11.73 -19.57 14.03
C CYS B 113 12.84 -18.78 14.70
N LEU B 114 13.15 -17.60 14.15
CA LEU B 114 14.11 -16.68 14.80
C LEU B 114 13.66 -16.24 16.19
N ARG B 115 12.35 -16.05 16.36
CA ARG B 115 11.78 -15.68 17.66
C ARG B 115 10.52 -16.48 17.98
N ASP B 116 10.38 -16.81 19.26
CA ASP B 116 9.25 -17.55 19.76
C ASP B 116 8.87 -16.84 21.04
N ILE B 117 7.78 -16.10 20.98
CA ILE B 117 7.37 -15.21 22.07
C ILE B 117 5.99 -15.55 22.60
N ASP B 118 5.93 -15.87 23.89
CA ASP B 118 4.65 -16.04 24.57
C ASP B 118 3.96 -14.71 24.74
N PHE B 119 2.66 -14.67 24.44
CA PHE B 119 1.91 -13.44 24.68
C PHE B 119 1.97 -12.93 26.14
N SER B 120 2.08 -13.84 27.10
CA SER B 120 2.19 -13.43 28.49
C SER B 120 3.39 -12.51 28.76
N SER B 121 4.42 -12.61 27.93
CA SER B 121 5.62 -11.80 28.08
C SER B 121 5.42 -10.30 27.83
N PHE B 122 4.35 -9.92 27.12
CA PHE B 122 4.05 -8.51 26.86
C PHE B 122 2.56 -8.18 27.05
N SER B 123 1.84 -9.05 27.76
CA SER B 123 0.41 -8.84 27.95
C SER B 123 0.08 -7.56 28.73
N GLN B 124 0.91 -7.22 29.72
CA GLN B 124 0.59 -6.00 30.48
CA GLN B 124 0.70 -6.01 30.51
C GLN B 124 0.74 -4.76 29.64
N LEU B 125 1.74 -4.69 28.77
CA LEU B 125 1.94 -3.50 27.94
C LEU B 125 0.89 -3.33 26.83
N MET B 126 0.13 -4.41 26.54
CA MET B 126 -1.05 -4.47 25.64
C MET B 126 -2.43 -4.37 26.34
N ALA B 127 -2.43 -4.45 27.67
CA ALA B 127 -3.68 -4.60 28.42
C ALA B 127 -4.69 -3.43 28.32
N ASP B 128 -4.21 -2.27 27.89
CA ASP B 128 -5.09 -1.11 27.65
C ASP B 128 -5.99 -1.24 26.40
N LYS B 129 -5.83 -2.34 25.67
CA LYS B 129 -6.59 -2.61 24.43
C LYS B 129 -6.39 -1.54 23.34
N SER B 130 -5.27 -0.86 23.39
CA SER B 130 -4.98 0.25 22.49
C SER B 130 -3.94 -0.23 21.50
N TRP B 131 -3.76 0.50 20.40
CA TRP B 131 -2.64 0.21 19.49
C TRP B 131 -1.28 0.54 20.11
N HIS B 132 -0.31 -0.35 19.85
CA HIS B 132 1.08 -0.16 20.19
C HIS B 132 1.99 -0.62 19.04
N THR B 133 3.06 0.12 18.79
CA THR B 133 4.09 -0.29 17.85
C THR B 133 5.10 -1.16 18.55
N LEU B 134 5.27 -2.35 18.01
CA LEU B 134 6.16 -3.35 18.58
C LEU B 134 7.35 -3.55 17.65
N ALA B 135 8.54 -3.44 18.22
CA ALA B 135 9.76 -3.78 17.48
C ALA B 135 10.31 -5.12 17.98
N ILE B 136 10.40 -6.11 17.10
CA ILE B 136 10.84 -7.43 17.51
C ILE B 136 12.25 -7.71 16.98
N PRO B 137 13.25 -7.66 17.87
CA PRO B 137 14.60 -7.97 17.38
C PRO B 137 14.67 -9.38 16.83
N LEU B 138 15.25 -9.51 15.64
CA LEU B 138 15.31 -10.80 14.98
C LEU B 138 16.33 -11.75 15.62
N HIS B 139 17.35 -11.20 16.26
CA HIS B 139 18.38 -12.07 16.81
C HIS B 139 18.60 -11.87 18.30
N CYS B 140 18.66 -12.99 19.01
CA CYS B 140 18.95 -13.05 20.45
C CYS B 140 20.41 -13.44 20.65
N GLN B 148 18.86 -19.60 5.56
CA GLN B 148 17.60 -20.24 5.94
C GLN B 148 16.40 -19.51 5.34
N PRO B 149 15.74 -20.14 4.37
CA PRO B 149 14.65 -19.50 3.65
C PRO B 149 13.43 -19.35 4.57
N ILE B 150 12.83 -18.17 4.58
CA ILE B 150 11.71 -17.93 5.50
C ILE B 150 10.38 -18.20 4.78
N THR B 151 9.47 -18.90 5.46
CA THR B 151 8.09 -18.98 4.95
C THR B 151 7.11 -18.11 5.73
N ASP B 152 7.10 -18.19 7.05
CA ASP B 152 6.22 -17.30 7.81
C ASP B 152 7.02 -16.14 8.41
N ALA B 153 6.77 -14.93 7.91
CA ALA B 153 7.36 -13.72 8.53
C ALA B 153 6.89 -13.57 9.98
N LEU B 154 5.60 -13.81 10.19
CA LEU B 154 5.03 -13.85 11.52
C LEU B 154 3.97 -14.94 11.59
N ARG B 155 3.81 -15.52 12.77
CA ARG B 155 2.81 -16.56 12.98
C ARG B 155 2.26 -16.37 14.39
N ILE B 156 0.93 -16.29 14.50
CA ILE B 156 0.27 -16.18 15.80
C ILE B 156 -0.64 -17.37 15.98
N THR B 157 -0.44 -18.08 17.09
CA THR B 157 -1.18 -19.31 17.33
C THR B 157 -1.92 -19.17 18.65
N SER B 158 -3.21 -19.47 18.65
CA SER B 158 -4.01 -19.39 19.88
C SER B 158 -5.31 -20.19 19.70
N GLN B 159 -6.12 -20.24 20.76
CA GLN B 159 -7.48 -20.80 20.66
C GLN B 159 -8.59 -19.79 20.81
N ASN B 160 -8.30 -18.67 21.45
CA ASN B 160 -9.37 -17.74 21.83
C ASN B 160 -8.69 -16.42 22.08
N LEU B 161 -8.91 -15.46 21.17
CA LEU B 161 -8.05 -14.27 21.10
C LEU B 161 -8.71 -13.31 20.09
N SER B 162 -8.61 -12.00 20.34
CA SER B 162 -9.06 -11.03 19.43
CA SER B 162 -9.06 -11.01 19.39
C SER B 162 -8.02 -9.92 19.34
N LEU B 163 -7.46 -9.66 18.15
CA LEU B 163 -6.42 -8.64 18.02
C LEU B 163 -6.51 -8.06 16.62
N ALA B 164 -5.71 -7.03 16.36
CA ALA B 164 -5.59 -6.46 15.04
C ALA B 164 -4.13 -6.11 14.81
N ILE B 165 -3.74 -6.12 13.52
CA ILE B 165 -2.35 -5.91 13.13
C ILE B 165 -2.33 -4.90 11.97
N ALA B 166 -1.32 -4.04 11.94
CA ALA B 166 -1.14 -3.10 10.84
C ALA B 166 0.34 -2.79 10.66
N ASP B 167 0.69 -2.23 9.49
CA ASP B 167 2.00 -1.60 9.34
C ASP B 167 3.17 -2.51 9.70
N VAL B 168 3.21 -3.68 9.06
CA VAL B 168 4.24 -4.67 9.31
C VAL B 168 5.44 -4.47 8.38
N ALA B 169 6.62 -4.28 8.94
CA ALA B 169 7.82 -4.07 8.12
C ALA B 169 9.09 -4.58 8.79
N LEU B 170 10.07 -4.98 7.96
CA LEU B 170 11.39 -5.28 8.47
C LEU B 170 12.17 -3.97 8.55
N THR B 171 12.88 -3.74 9.64
CA THR B 171 13.67 -2.50 9.78
C THR B 171 15.05 -2.78 10.35
N ILE B 172 16.02 -1.90 10.08
CA ILE B 172 17.40 -2.15 10.58
C ILE B 172 17.58 -1.68 12.02
N LYS B 173 16.77 -0.70 12.42
CA LYS B 173 16.76 -0.22 13.81
C LYS B 173 15.33 0.01 14.29
N PRO B 174 15.11 -0.02 15.62
CA PRO B 174 13.74 0.14 16.05
C PRO B 174 13.32 1.59 15.94
N SER B 175 12.06 1.83 15.54
CA SER B 175 11.55 3.18 15.38
C SER B 175 11.37 3.85 16.74
N ASP B 176 11.46 5.17 16.74
CA ASP B 176 11.45 5.93 17.99
C ASP B 176 10.26 5.62 18.92
N ASP B 177 9.06 5.47 18.40
CA ASP B 177 7.93 5.27 19.31
C ASP B 177 7.58 3.80 19.64
N SER B 178 8.40 2.87 19.15
CA SER B 178 8.18 1.43 19.34
C SER B 178 8.56 0.90 20.73
N ILE B 179 7.95 -0.24 21.10
CA ILE B 179 8.33 -1.00 22.30
C ILE B 179 9.06 -2.25 21.81
N SER B 180 10.28 -2.48 22.29
CA SER B 180 10.99 -3.67 21.91
CA SER B 180 11.05 -3.66 21.87
C SER B 180 10.62 -4.92 22.65
N LEU B 181 10.20 -5.95 21.92
CA LEU B 181 9.96 -7.26 22.54
C LEU B 181 11.29 -7.99 22.58
N THR B 182 12.13 -7.60 23.54
CA THR B 182 13.48 -8.13 23.62
C THR B 182 13.49 -9.59 24.08
N CYS B 183 14.64 -10.23 23.92
CA CYS B 183 14.81 -11.64 24.25
C CYS B 183 14.77 -11.91 25.75
N ALA B 184 14.10 -13.01 26.12
CA ALA B 184 14.07 -13.49 27.49
C ALA B 184 15.50 -13.77 27.97
N LYS B 185 15.74 -13.51 29.25
CA LYS B 185 17.09 -13.62 29.83
C LYS B 185 17.43 -15.09 30.07
#